data_6TW3
#
_entry.id   6TW3
#
_cell.length_a   40.526
_cell.length_b   61.949
_cell.length_c   87.724
_cell.angle_alpha   90.000
_cell.angle_beta   90.000
_cell.angle_gamma   90.000
#
_symmetry.space_group_name_H-M   'P 21 21 21'
#
loop_
_entity.id
_entity.type
_entity.pdbx_description
1 polymer 'DNA repair and recombination protein RadA'
2 non-polymer 'PHOSPHATE ION'
3 non-polymer (2~{S})-1-[(2~{S})-2-[(3-azanylnaphthalen-2-yl)carbonylamino]-3-(1~{H}-imidazol-4-yl)propanoyl]-~{N}-[(2~{S})-1-azanyl-1-oxidanylidene-propan-2-yl]pyrrolidine-2-carboxamide
4 water water
#
_entity_poly.entity_id   1
_entity_poly.type   'polypeptide(L)'
_entity_poly.pdbx_seq_one_letter_code
;MATIGRISTGSKSLDKLLGGGIETQAITEVFGEFGSGKTQLAHTLAVMVQLPPEEGGLNGSVMWIDTENTFRPERIREIA
QNRGLDPDEVLKHIAYARAFNSNHQMLLVQQAEDMIKELLNTDRPVKLLIVDSLTSHFRSEYIGRGALAERQQKLAKHLA
DLHRLANLYDIAVFVTNQVQANGGHILAHSATLRVYLRKGKGGKRIARLIDAPHLPEGEAVFSITEKGIED
;
_entity_poly.pdbx_strand_id   A
#
# COMPACT_ATOMS: atom_id res chain seq x y z
N ALA A 2 -10.16 -11.62 15.12
CA ALA A 2 -9.89 -12.56 14.03
C ALA A 2 -8.40 -12.59 13.70
N THR A 3 -7.93 -13.72 13.18
CA THR A 3 -6.52 -13.87 12.89
C THR A 3 -6.11 -12.97 11.74
N ILE A 4 -4.86 -12.52 11.80
N ILE A 4 -4.92 -12.43 11.81
CA ILE A 4 -4.27 -11.62 10.80
CA ILE A 4 -4.50 -11.56 10.72
C ILE A 4 -3.83 -12.42 9.59
C ILE A 4 -3.94 -12.41 9.59
N GLY A 5 -3.99 -11.84 8.40
CA GLY A 5 -3.41 -12.43 7.20
C GLY A 5 -2.15 -11.67 6.83
N ARG A 6 -1.28 -12.33 6.10
N ARG A 6 -1.31 -12.28 5.98
CA ARG A 6 -0.14 -11.65 5.53
CA ARG A 6 -0.01 -11.71 5.59
C ARG A 6 -0.18 -11.76 4.02
C ARG A 6 0.24 -11.88 4.09
N ILE A 7 0.39 -10.76 3.37
CA ILE A 7 0.57 -10.76 1.91
C ILE A 7 2.06 -10.65 1.60
N SER A 8 2.59 -11.66 0.92
CA SER A 8 3.97 -11.59 0.46
C SER A 8 4.15 -10.43 -0.51
N THR A 9 5.28 -9.74 -0.39
CA THR A 9 5.66 -8.66 -1.28
C THR A 9 6.29 -9.14 -2.59
N GLY A 10 6.66 -10.42 -2.69
CA GLY A 10 7.46 -10.92 -3.78
C GLY A 10 8.94 -11.04 -3.48
N SER A 11 9.44 -10.33 -2.48
CA SER A 11 10.85 -10.40 -2.07
C SER A 11 10.96 -11.13 -0.73
N LYS A 12 11.78 -12.19 -0.69
CA LYS A 12 11.96 -12.92 0.56
C LYS A 12 12.66 -12.06 1.61
N SER A 13 13.61 -11.23 1.17
CA SER A 13 14.27 -10.29 2.06
C SER A 13 13.27 -9.34 2.71
N LEU A 14 12.45 -8.68 1.87
CA LEU A 14 11.47 -7.75 2.42
C LEU A 14 10.42 -8.47 3.27
N ASP A 15 9.99 -9.66 2.84
CA ASP A 15 9.04 -10.44 3.64
C ASP A 15 9.60 -10.73 5.04
N LYS A 16 10.88 -11.09 5.14
CA LYS A 16 11.45 -11.33 6.47
C LYS A 16 11.44 -10.06 7.31
N LEU A 17 11.80 -8.92 6.72
CA LEU A 17 11.78 -7.67 7.45
C LEU A 17 10.38 -7.39 8.01
N LEU A 18 9.34 -7.79 7.27
CA LEU A 18 7.95 -7.56 7.62
C LEU A 18 7.34 -8.70 8.42
N GLY A 19 8.11 -9.72 8.80
CA GLY A 19 7.54 -10.82 9.54
C GLY A 19 6.66 -11.75 8.73
N GLY A 20 6.82 -11.76 7.40
CA GLY A 20 6.06 -12.65 6.53
C GLY A 20 5.35 -11.94 5.39
N GLY A 21 5.16 -10.65 5.53
CA GLY A 21 4.46 -9.85 4.54
C GLY A 21 3.67 -8.74 5.21
N ILE A 22 2.95 -7.97 4.38
CA ILE A 22 2.13 -6.91 4.96
C ILE A 22 0.88 -7.52 5.60
N GLU A 23 0.44 -6.91 6.70
CA GLU A 23 -0.61 -7.47 7.56
C GLU A 23 -1.98 -6.91 7.23
N THR A 24 -3.00 -7.78 7.28
CA THR A 24 -4.38 -7.27 7.38
C THR A 24 -4.59 -6.65 8.76
N GLN A 25 -5.68 -5.90 8.89
CA GLN A 25 -5.98 -5.19 10.15
C GLN A 25 -4.86 -4.22 10.53
N ALA A 26 -4.22 -3.62 9.53
CA ALA A 26 -3.13 -2.67 9.72
C ALA A 26 -3.05 -1.76 8.51
N ILE A 27 -2.49 -0.57 8.73
CA ILE A 27 -2.05 0.34 7.65
C ILE A 27 -0.52 0.29 7.61
N THR A 28 0.02 -0.13 6.45
CA THR A 28 1.45 -0.08 6.21
C THR A 28 1.71 1.10 5.27
N GLU A 29 2.57 2.03 5.71
CA GLU A 29 2.98 3.18 4.93
C GLU A 29 4.39 2.97 4.43
N VAL A 30 4.60 3.11 3.13
N VAL A 30 4.60 3.07 3.14
CA VAL A 30 5.94 3.14 2.54
CA VAL A 30 5.94 3.15 2.58
C VAL A 30 6.24 4.57 2.12
C VAL A 30 6.21 4.61 2.21
N PHE A 31 7.40 5.09 2.55
CA PHE A 31 7.76 6.47 2.29
C PHE A 31 9.21 6.56 1.80
N GLY A 32 9.46 7.54 0.96
CA GLY A 32 10.78 7.76 0.40
C GLY A 32 10.67 8.72 -0.77
N GLU A 33 11.83 8.96 -1.37
CA GLU A 33 11.89 9.94 -2.45
C GLU A 33 11.23 9.39 -3.71
N PHE A 34 10.94 10.29 -4.64
CA PHE A 34 10.46 9.85 -5.94
C PHE A 34 11.45 8.86 -6.54
N GLY A 35 10.93 7.76 -7.08
CA GLY A 35 11.76 6.73 -7.66
C GLY A 35 12.26 5.65 -6.73
N SER A 36 11.86 5.66 -5.46
CA SER A 36 12.37 4.68 -4.50
C SER A 36 11.69 3.32 -4.59
N GLY A 37 10.66 3.18 -5.42
CA GLY A 37 9.99 1.91 -5.65
C GLY A 37 8.63 1.76 -5.00
N LYS A 38 8.07 2.84 -4.46
CA LYS A 38 6.80 2.74 -3.74
C LYS A 38 5.68 2.23 -4.65
N THR A 39 5.54 2.84 -5.82
CA THR A 39 4.45 2.43 -6.71
C THR A 39 4.66 1.03 -7.29
N GLN A 40 5.91 0.62 -7.49
CA GLN A 40 6.15 -0.74 -7.98
C GLN A 40 5.79 -1.78 -6.92
N LEU A 41 6.07 -1.47 -5.64
CA LEU A 41 5.62 -2.35 -4.56
C LEU A 41 4.10 -2.44 -4.54
N ALA A 42 3.41 -1.31 -4.73
CA ALA A 42 1.95 -1.34 -4.77
C ALA A 42 1.43 -2.22 -5.90
N HIS A 43 2.00 -2.07 -7.10
CA HIS A 43 1.58 -2.92 -8.22
C HIS A 43 1.82 -4.40 -7.91
N THR A 44 2.97 -4.71 -7.32
CA THR A 44 3.27 -6.11 -7.03
C THR A 44 2.28 -6.69 -6.02
N LEU A 45 1.99 -5.94 -4.93
CA LEU A 45 1.06 -6.42 -3.91
C LEU A 45 -0.32 -6.67 -4.50
N ALA A 46 -0.75 -5.83 -5.46
CA ALA A 46 -2.06 -6.00 -6.08
C ALA A 46 -2.18 -7.30 -6.86
N VAL A 47 -1.05 -7.89 -7.26
CA VAL A 47 -1.05 -9.23 -7.85
C VAL A 47 -0.88 -10.31 -6.78
N MET A 48 0.11 -10.13 -5.90
CA MET A 48 0.41 -11.15 -4.88
C MET A 48 -0.80 -11.51 -4.02
N VAL A 49 -1.63 -10.52 -3.67
CA VAL A 49 -2.73 -10.81 -2.76
C VAL A 49 -3.74 -11.76 -3.40
N GLN A 50 -3.74 -11.85 -4.73
CA GLN A 50 -4.68 -12.70 -5.45
C GLN A 50 -4.25 -14.16 -5.49
N LEU A 51 -3.00 -14.46 -5.13
CA LEU A 51 -2.52 -15.85 -5.06
C LEU A 51 -3.17 -16.58 -3.90
N PRO A 52 -3.18 -17.92 -3.92
CA PRO A 52 -3.70 -18.68 -2.77
C PRO A 52 -2.75 -18.58 -1.59
N PRO A 53 -3.23 -18.91 -0.37
CA PRO A 53 -2.39 -18.65 0.82
C PRO A 53 -1.09 -19.43 0.86
N GLU A 54 -1.04 -20.64 0.33
CA GLU A 54 0.22 -21.36 0.32
C GLU A 54 1.25 -20.77 -0.63
N GLU A 55 0.85 -19.79 -1.44
CA GLU A 55 1.78 -19.05 -2.29
C GLU A 55 1.98 -17.60 -1.82
N GLY A 56 1.54 -17.28 -0.61
CA GLY A 56 1.76 -15.95 -0.06
C GLY A 56 0.67 -14.93 -0.31
N GLY A 57 -0.47 -15.32 -0.90
CA GLY A 57 -1.59 -14.44 -1.08
C GLY A 57 -2.72 -14.73 -0.11
N LEU A 58 -3.86 -14.10 -0.38
CA LEU A 58 -5.07 -14.26 0.44
C LEU A 58 -6.29 -14.55 -0.43
N ASN A 59 -6.10 -15.01 -1.66
CA ASN A 59 -7.21 -15.19 -2.58
C ASN A 59 -8.11 -13.96 -2.60
N GLY A 60 -7.48 -12.78 -2.62
CA GLY A 60 -8.26 -11.57 -2.39
C GLY A 60 -8.41 -10.62 -3.55
N SER A 61 -9.46 -9.80 -3.49
CA SER A 61 -9.65 -8.69 -4.41
C SER A 61 -8.96 -7.43 -3.88
N VAL A 62 -8.87 -6.43 -4.74
CA VAL A 62 -8.10 -5.22 -4.48
C VAL A 62 -8.97 -4.00 -4.78
N MET A 63 -8.79 -2.94 -3.99
CA MET A 63 -9.33 -1.63 -4.31
C MET A 63 -8.17 -0.63 -4.29
N TRP A 64 -8.12 0.26 -5.28
CA TRP A 64 -6.97 1.11 -5.52
C TRP A 64 -7.44 2.56 -5.71
N ILE A 65 -7.01 3.46 -4.81
CA ILE A 65 -7.27 4.89 -4.94
C ILE A 65 -5.98 5.55 -5.44
N ASP A 66 -6.02 6.08 -6.65
N ASP A 66 -6.06 6.22 -6.59
CA ASP A 66 -4.91 6.81 -7.23
CA ASP A 66 -4.92 6.78 -7.32
C ASP A 66 -5.14 8.30 -7.04
C ASP A 66 -5.04 8.31 -7.33
N THR A 67 -4.08 9.02 -6.71
CA THR A 67 -4.11 10.47 -6.67
C THR A 67 -3.24 11.12 -7.73
N GLU A 68 -2.40 10.35 -8.42
CA GLU A 68 -1.37 10.89 -9.30
C GLU A 68 -1.36 10.30 -10.71
N ASN A 69 -2.40 9.55 -11.10
CA ASN A 69 -2.43 8.89 -12.41
C ASN A 69 -1.23 7.97 -12.65
N THR A 70 -0.84 7.22 -11.61
CA THR A 70 0.32 6.34 -11.69
C THR A 70 -0.01 4.85 -11.79
N PHE A 71 -1.28 4.47 -11.65
CA PHE A 71 -1.65 3.07 -11.85
C PHE A 71 -1.48 2.70 -13.31
N ARG A 72 -0.87 1.55 -13.59
CA ARG A 72 -0.64 1.11 -14.96
C ARG A 72 -1.19 -0.31 -15.15
N PRO A 73 -2.35 -0.45 -15.78
CA PRO A 73 -2.93 -1.80 -15.96
C PRO A 73 -2.01 -2.78 -16.67
N GLU A 74 -1.25 -2.32 -17.66
CA GLU A 74 -0.35 -3.24 -18.36
C GLU A 74 0.76 -3.75 -17.47
N ARG A 75 1.20 -2.96 -16.47
CA ARG A 75 2.20 -3.46 -15.53
C ARG A 75 1.61 -4.56 -14.65
N ILE A 76 0.35 -4.40 -14.23
CA ILE A 76 -0.35 -5.50 -13.57
C ILE A 76 -0.32 -6.74 -14.45
N ARG A 77 -0.65 -6.58 -15.73
CA ARG A 77 -0.75 -7.74 -16.61
C ARG A 77 0.60 -8.42 -16.76
N GLU A 78 1.68 -7.65 -16.81
CA GLU A 78 3.02 -8.20 -16.93
C GLU A 78 3.39 -8.99 -15.67
N ILE A 79 3.20 -8.38 -14.50
CA ILE A 79 3.53 -9.07 -13.24
C ILE A 79 2.73 -10.36 -13.13
N ALA A 80 1.44 -10.30 -13.43
CA ALA A 80 0.58 -11.47 -13.35
C ALA A 80 1.08 -12.58 -14.27
N GLN A 81 1.32 -12.25 -15.56
CA GLN A 81 1.76 -13.26 -16.52
C GLN A 81 3.04 -13.94 -16.05
N ASN A 82 4.00 -13.16 -15.55
CA ASN A 82 5.29 -13.71 -15.14
C ASN A 82 5.25 -14.41 -13.79
N ARG A 83 4.12 -14.39 -13.10
CA ARG A 83 3.91 -15.20 -11.91
C ARG A 83 2.93 -16.35 -12.12
N GLY A 84 2.60 -16.65 -13.39
CA GLY A 84 1.76 -17.78 -13.72
C GLY A 84 0.26 -17.54 -13.68
N LEU A 85 -0.19 -16.28 -13.60
CA LEU A 85 -1.59 -15.94 -13.45
C LEU A 85 -2.11 -15.30 -14.73
N ASP A 86 -3.42 -15.45 -14.96
CA ASP A 86 -4.04 -14.86 -16.14
C ASP A 86 -4.09 -13.34 -15.98
N PRO A 87 -3.51 -12.58 -16.90
CA PRO A 87 -3.45 -11.12 -16.70
C PRO A 87 -4.81 -10.44 -16.63
N ASP A 88 -5.77 -10.89 -17.44
CA ASP A 88 -7.07 -10.23 -17.45
C ASP A 88 -7.92 -10.60 -16.24
N GLU A 89 -7.80 -11.84 -15.74
CA GLU A 89 -8.48 -12.19 -14.50
C GLU A 89 -7.93 -11.39 -13.32
N VAL A 90 -6.61 -11.24 -13.24
CA VAL A 90 -6.02 -10.44 -12.17
C VAL A 90 -6.54 -9.01 -12.23
N LEU A 91 -6.59 -8.41 -13.44
CA LEU A 91 -7.11 -7.05 -13.57
C LEU A 91 -8.57 -6.97 -13.14
N LYS A 92 -9.36 -8.00 -13.44
CA LYS A 92 -10.77 -7.91 -13.13
C LYS A 92 -11.05 -7.85 -11.63
N HIS A 93 -10.13 -8.34 -10.80
CA HIS A 93 -10.30 -8.28 -9.34
C HIS A 93 -9.69 -7.05 -8.72
N ILE A 94 -9.31 -6.05 -9.52
CA ILE A 94 -8.87 -4.74 -9.03
C ILE A 94 -9.93 -3.71 -9.40
N ALA A 95 -10.48 -3.04 -8.39
CA ALA A 95 -11.37 -1.90 -8.58
C ALA A 95 -10.54 -0.63 -8.41
N TYR A 96 -10.70 0.31 -9.33
CA TYR A 96 -9.80 1.46 -9.45
C TYR A 96 -10.59 2.77 -9.46
N ALA A 97 -10.07 3.77 -8.75
CA ALA A 97 -10.66 5.09 -8.80
C ALA A 97 -9.58 6.14 -8.64
N ARG A 98 -9.68 7.21 -9.42
CA ARG A 98 -8.80 8.36 -9.30
C ARG A 98 -9.46 9.39 -8.39
N ALA A 99 -8.73 9.83 -7.36
CA ALA A 99 -9.21 10.87 -6.46
C ALA A 99 -8.83 12.23 -7.04
N PHE A 100 -9.83 13.09 -7.23
CA PHE A 100 -9.65 14.40 -7.86
C PHE A 100 -9.01 15.42 -6.91
N ASN A 101 -9.33 15.34 -5.63
CA ASN A 101 -8.79 16.23 -4.60
C ASN A 101 -8.89 15.50 -3.27
N SER A 102 -8.47 16.14 -2.17
CA SER A 102 -8.45 15.43 -0.90
C SER A 102 -9.86 15.13 -0.36
N ASN A 103 -10.84 15.98 -0.69
CA ASN A 103 -12.19 15.73 -0.21
C ASN A 103 -12.85 14.58 -0.97
N HIS A 104 -12.57 14.48 -2.27
CA HIS A 104 -13.02 13.32 -3.05
C HIS A 104 -12.34 12.05 -2.56
N GLN A 105 -11.04 12.13 -2.27
CA GLN A 105 -10.29 10.99 -1.72
C GLN A 105 -10.96 10.47 -0.45
N MET A 106 -11.39 11.38 0.43
CA MET A 106 -12.04 10.97 1.66
C MET A 106 -13.39 10.32 1.37
N LEU A 107 -14.15 10.86 0.42
CA LEU A 107 -15.42 10.25 0.05
C LEU A 107 -15.23 8.86 -0.55
N LEU A 108 -14.16 8.67 -1.33
CA LEU A 108 -13.91 7.37 -1.96
C LEU A 108 -13.67 6.27 -0.94
N VAL A 109 -13.10 6.60 0.23
CA VAL A 109 -12.97 5.60 1.29
C VAL A 109 -14.34 5.15 1.76
N GLN A 110 -15.29 6.08 1.86
N GLN A 110 -15.29 6.09 1.85
CA GLN A 110 -16.65 5.71 2.23
CA GLN A 110 -16.65 5.72 2.23
C GLN A 110 -17.31 4.86 1.16
C GLN A 110 -17.31 4.86 1.16
N GLN A 111 -17.14 5.22 -0.11
CA GLN A 111 -17.69 4.39 -1.18
C GLN A 111 -17.08 3.01 -1.15
N ALA A 112 -15.78 2.90 -0.85
CA ALA A 112 -15.11 1.61 -0.86
C ALA A 112 -15.82 0.61 0.04
N GLU A 113 -16.34 1.08 1.17
CA GLU A 113 -17.04 0.17 2.10
C GLU A 113 -18.19 -0.55 1.42
N ASP A 114 -18.87 0.10 0.46
CA ASP A 114 -19.98 -0.55 -0.21
C ASP A 114 -19.52 -1.80 -0.98
N MET A 115 -18.44 -1.68 -1.76
CA MET A 115 -17.95 -2.84 -2.50
C MET A 115 -17.35 -3.88 -1.56
N ILE A 116 -16.68 -3.43 -0.50
CA ILE A 116 -16.15 -4.38 0.47
C ILE A 116 -17.27 -5.25 1.02
N LYS A 117 -18.40 -4.64 1.38
CA LYS A 117 -19.53 -5.41 1.91
C LYS A 117 -20.03 -6.41 0.89
N GLU A 118 -20.13 -6.00 -0.37
CA GLU A 118 -20.67 -6.90 -1.39
C GLU A 118 -19.81 -8.15 -1.52
N LEU A 119 -18.49 -7.99 -1.55
CA LEU A 119 -17.60 -9.12 -1.82
C LEU A 119 -17.27 -9.95 -0.58
N LEU A 120 -17.76 -9.58 0.61
CA LEU A 120 -17.17 -10.02 1.88
C LEU A 120 -17.24 -11.53 2.05
N ASN A 121 -18.38 -12.12 1.70
CA ASN A 121 -18.58 -13.56 1.88
C ASN A 121 -18.52 -14.33 0.56
N THR A 122 -17.94 -13.72 -0.49
CA THR A 122 -17.60 -14.38 -1.75
C THR A 122 -16.23 -15.06 -1.65
N ASP A 123 -15.83 -15.74 -2.73
CA ASP A 123 -14.56 -16.45 -2.69
C ASP A 123 -13.34 -15.54 -2.85
N ARG A 124 -13.53 -14.29 -3.26
CA ARG A 124 -12.46 -13.31 -3.36
C ARG A 124 -12.88 -12.01 -2.68
N PRO A 125 -13.00 -12.02 -1.36
CA PRO A 125 -13.28 -10.77 -0.62
C PRO A 125 -12.15 -9.78 -0.84
N VAL A 126 -12.46 -8.49 -0.65
CA VAL A 126 -11.40 -7.48 -0.67
C VAL A 126 -10.40 -7.78 0.45
N LYS A 127 -9.12 -7.86 0.10
N LYS A 127 -9.13 -7.84 0.09
CA LYS A 127 -8.07 -8.07 1.08
CA LYS A 127 -8.08 -8.06 1.09
C LYS A 127 -6.99 -7.01 1.06
C LYS A 127 -6.97 -7.02 1.05
N LEU A 128 -7.00 -6.10 0.09
CA LEU A 128 -5.97 -5.06 -0.06
C LEU A 128 -6.64 -3.79 -0.55
N LEU A 129 -6.40 -2.68 0.17
N LEU A 129 -6.36 -2.69 0.15
CA LEU A 129 -6.83 -1.35 -0.24
CA LEU A 129 -6.81 -1.36 -0.24
C LEU A 129 -5.58 -0.50 -0.33
C LEU A 129 -5.59 -0.47 -0.32
N ILE A 130 -5.29 0.02 -1.52
CA ILE A 130 -4.11 0.85 -1.79
C ILE A 130 -4.54 2.31 -1.91
N VAL A 131 -3.78 3.21 -1.28
CA VAL A 131 -3.89 4.65 -1.52
C VAL A 131 -2.52 5.15 -1.94
N ASP A 132 -2.40 5.54 -3.21
CA ASP A 132 -1.16 5.97 -3.83
C ASP A 132 -1.54 7.23 -4.62
N SER A 133 -1.28 8.42 -4.08
CA SER A 133 -0.48 8.68 -2.89
C SER A 133 -1.39 9.21 -1.79
N LEU A 134 -1.03 8.89 -0.54
CA LEU A 134 -1.91 9.25 0.56
C LEU A 134 -1.93 10.74 0.76
N THR A 135 -0.78 11.40 0.57
CA THR A 135 -0.59 12.76 1.06
C THR A 135 -0.56 13.85 -0.01
N SER A 136 -0.45 13.49 -1.30
CA SER A 136 -0.15 14.49 -2.34
C SER A 136 -1.20 15.61 -2.38
N HIS A 137 -2.49 15.27 -2.36
CA HIS A 137 -3.52 16.31 -2.37
C HIS A 137 -3.52 17.12 -1.09
N PHE A 138 -3.32 16.47 0.06
CA PHE A 138 -3.29 17.21 1.32
C PHE A 138 -2.17 18.23 1.32
N ARG A 139 -1.03 17.89 0.69
CA ARG A 139 0.12 18.78 0.69
C ARG A 139 -0.09 19.96 -0.24
N SER A 140 -0.83 19.79 -1.34
CA SER A 140 -1.01 20.91 -2.26
C SER A 140 -2.14 21.84 -1.79
N GLU A 141 -3.13 21.31 -1.09
CA GLU A 141 -4.30 22.09 -0.70
C GLU A 141 -4.12 22.83 0.62
N TYR A 142 -3.40 22.23 1.56
CA TYR A 142 -3.25 22.79 2.91
C TYR A 142 -1.80 23.27 3.04
N ILE A 143 -1.61 24.57 2.84
CA ILE A 143 -0.26 25.14 2.73
C ILE A 143 -0.26 26.56 3.27
N GLY A 144 0.77 26.90 4.03
CA GLY A 144 0.90 28.25 4.58
C GLY A 144 0.56 28.29 6.06
N ARG A 145 0.61 29.50 6.61
N ARG A 145 0.60 29.51 6.60
CA ARG A 145 0.39 29.70 8.03
CA ARG A 145 0.38 29.70 8.03
C ARG A 145 -0.95 29.09 8.47
C ARG A 145 -0.94 29.10 8.46
N GLY A 146 -0.90 28.26 9.50
CA GLY A 146 -2.08 27.54 9.98
C GLY A 146 -2.33 26.18 9.33
N ALA A 147 -1.65 25.88 8.23
CA ALA A 147 -1.94 24.65 7.48
C ALA A 147 -1.40 23.40 8.16
N LEU A 148 -0.34 23.50 8.96
CA LEU A 148 0.20 22.30 9.59
C LEU A 148 -0.87 21.64 10.47
N ALA A 149 -1.51 22.42 11.34
CA ALA A 149 -2.52 21.86 12.23
C ALA A 149 -3.73 21.34 11.46
N GLU A 150 -4.22 22.11 10.48
CA GLU A 150 -5.41 21.70 9.75
C GLU A 150 -5.13 20.47 8.91
N ARG A 151 -4.02 20.46 8.17
N ARG A 151 -4.00 20.44 8.22
CA ARG A 151 -3.68 19.30 7.37
CA ARG A 151 -3.65 19.32 7.36
C ARG A 151 -3.57 18.05 8.24
C ARG A 151 -3.45 18.04 8.17
N GLN A 152 -2.80 18.15 9.33
CA GLN A 152 -2.59 16.97 10.17
C GLN A 152 -3.90 16.44 10.73
N GLN A 153 -4.85 17.32 11.06
CA GLN A 153 -6.14 16.88 11.58
C GLN A 153 -6.94 16.13 10.51
N LYS A 154 -6.99 16.67 9.30
CA LYS A 154 -7.73 16.03 8.22
C LYS A 154 -7.09 14.70 7.84
N LEU A 155 -5.76 14.67 7.73
N LEU A 155 -5.75 14.65 7.79
CA LEU A 155 -5.06 13.41 7.47
CA LEU A 155 -5.08 13.40 7.46
C LEU A 155 -5.41 12.38 8.54
C LEU A 155 -5.24 12.34 8.54
N ALA A 156 -5.31 12.76 9.81
CA ALA A 156 -5.56 11.80 10.88
C ALA A 156 -6.97 11.21 10.79
N LYS A 157 -7.95 12.02 10.37
CA LYS A 157 -9.31 11.52 10.22
C LYS A 157 -9.42 10.55 9.05
N HIS A 158 -8.79 10.89 7.92
CA HIS A 158 -8.72 9.99 6.78
C HIS A 158 -8.09 8.66 7.18
N LEU A 159 -6.97 8.71 7.91
CA LEU A 159 -6.31 7.51 8.38
C LEU A 159 -7.17 6.73 9.36
N ALA A 160 -7.95 7.41 10.19
CA ALA A 160 -8.87 6.71 11.08
C ALA A 160 -9.95 5.96 10.30
N ASP A 161 -10.46 6.57 9.21
CA ASP A 161 -11.41 5.86 8.36
C ASP A 161 -10.80 4.63 7.74
N LEU A 162 -9.54 4.73 7.29
CA LEU A 162 -8.84 3.60 6.72
C LEU A 162 -8.57 2.50 7.75
N HIS A 163 -8.15 2.88 8.97
CA HIS A 163 -7.99 1.90 10.04
C HIS A 163 -9.29 1.15 10.30
N ARG A 164 -10.42 1.87 10.28
CA ARG A 164 -11.71 1.19 10.53
C ARG A 164 -11.97 0.12 9.48
N LEU A 165 -11.76 0.43 8.20
CA LEU A 165 -11.98 -0.60 7.17
C LEU A 165 -11.03 -1.78 7.34
N ALA A 166 -9.76 -1.50 7.64
CA ALA A 166 -8.80 -2.58 7.83
C ALA A 166 -9.23 -3.50 8.95
N ASN A 167 -9.69 -2.92 10.06
CA ASN A 167 -9.97 -3.69 11.26
C ASN A 167 -11.33 -4.37 11.18
N LEU A 168 -12.32 -3.69 10.60
CA LEU A 168 -13.67 -4.23 10.57
C LEU A 168 -13.82 -5.34 9.54
N TYR A 169 -13.11 -5.23 8.42
CA TYR A 169 -13.29 -6.15 7.30
C TYR A 169 -12.06 -7.01 7.03
N ASP A 170 -11.05 -6.99 7.90
CA ASP A 170 -9.86 -7.82 7.77
C ASP A 170 -9.14 -7.58 6.44
N ILE A 171 -8.74 -6.32 6.24
CA ILE A 171 -8.10 -5.86 4.99
C ILE A 171 -6.72 -5.30 5.33
N ALA A 172 -5.74 -5.53 4.45
CA ALA A 172 -4.46 -4.83 4.52
C ALA A 172 -4.59 -3.50 3.78
N VAL A 173 -4.35 -2.40 4.48
CA VAL A 173 -4.28 -1.08 3.85
C VAL A 173 -2.81 -0.73 3.61
N PHE A 174 -2.49 -0.35 2.37
CA PHE A 174 -1.13 -0.05 1.94
C PHE A 174 -1.13 1.34 1.32
N VAL A 175 -0.34 2.26 1.87
CA VAL A 175 -0.36 3.66 1.45
C VAL A 175 1.07 4.12 1.16
N THR A 176 1.19 5.07 0.24
CA THR A 176 2.49 5.62 -0.15
C THR A 176 2.58 7.10 0.21
N ASN A 177 3.80 7.57 0.47
CA ASN A 177 4.05 8.95 0.90
C ASN A 177 5.39 9.39 0.33
N GLN A 178 5.38 10.44 -0.50
CA GLN A 178 6.63 10.96 -1.07
C GLN A 178 7.28 11.93 -0.09
N VAL A 179 8.53 11.66 0.27
CA VAL A 179 9.26 12.40 1.30
C VAL A 179 10.64 12.75 0.74
N GLN A 180 10.96 14.04 0.73
CA GLN A 180 12.22 14.56 0.21
C GLN A 180 13.20 14.69 1.36
N ALA A 181 13.81 13.57 1.72
CA ALA A 181 14.81 13.54 2.79
C ALA A 181 14.30 14.19 4.07
N HIS A 185 10.40 15.22 8.80
CA HIS A 185 10.42 14.11 9.74
C HIS A 185 9.69 14.47 11.03
N ILE A 186 9.54 15.78 11.26
CA ILE A 186 9.01 16.25 12.54
C ILE A 186 7.50 16.03 12.66
N LEU A 187 6.80 15.75 11.57
CA LEU A 187 5.34 15.62 11.62
C LEU A 187 4.93 14.27 12.22
N ALA A 188 3.80 14.28 12.93
CA ALA A 188 3.24 13.05 13.47
C ALA A 188 2.67 12.18 12.35
N HIS A 189 2.65 10.86 12.59
CA HIS A 189 2.06 9.90 11.66
C HIS A 189 1.21 8.91 12.44
N SER A 190 0.23 8.32 11.76
CA SER A 190 -0.67 7.38 12.44
C SER A 190 -0.83 6.05 11.70
N ALA A 191 0.07 5.73 10.77
CA ALA A 191 0.07 4.40 10.19
C ALA A 191 0.49 3.38 11.25
N THR A 192 0.08 2.13 11.04
CA THR A 192 0.48 1.03 11.94
C THR A 192 1.98 0.80 11.85
N LEU A 193 2.51 0.72 10.62
CA LEU A 193 3.91 0.40 10.41
C LEU A 193 4.42 1.31 9.30
N ARG A 194 5.61 1.88 9.50
CA ARG A 194 6.22 2.77 8.51
C ARG A 194 7.52 2.17 7.99
N VAL A 195 7.64 2.10 6.67
CA VAL A 195 8.78 1.50 5.98
C VAL A 195 9.43 2.56 5.11
N TYR A 196 10.70 2.85 5.39
CA TYR A 196 11.47 3.80 4.60
C TYR A 196 12.15 3.07 3.45
N LEU A 197 11.89 3.51 2.23
N LEU A 197 11.98 3.59 2.24
CA LEU A 197 12.50 2.97 1.02
CA LEU A 197 12.47 2.97 1.01
C LEU A 197 13.50 3.97 0.46
C LEU A 197 13.37 3.94 0.26
N ARG A 198 14.54 3.45 -0.18
CA ARG A 198 15.51 4.29 -0.87
C ARG A 198 16.21 3.48 -1.95
N LYS A 199 16.78 4.20 -2.92
CA LYS A 199 17.63 3.55 -3.90
C LYS A 199 18.96 3.14 -3.27
N GLY A 200 19.45 1.97 -3.66
CA GLY A 200 20.80 1.56 -3.37
C GLY A 200 21.64 1.53 -4.63
N LYS A 201 22.81 0.90 -4.51
CA LYS A 201 23.68 0.74 -5.65
C LYS A 201 23.29 -0.51 -6.45
N GLY A 202 23.69 -0.54 -7.71
CA GLY A 202 23.38 -1.67 -8.56
C GLY A 202 21.90 -1.83 -8.87
N GLY A 203 21.14 -0.74 -8.84
CA GLY A 203 19.71 -0.81 -9.12
C GLY A 203 18.86 -1.37 -8.00
N LYS A 204 19.46 -1.67 -6.85
N LYS A 204 19.47 -1.70 -6.86
CA LYS A 204 18.72 -2.28 -5.75
CA LYS A 204 18.73 -2.25 -5.75
C LYS A 204 17.99 -1.23 -4.93
C LYS A 204 17.84 -1.19 -5.09
N ARG A 205 16.90 -1.66 -4.29
CA ARG A 205 16.13 -0.81 -3.39
C ARG A 205 16.33 -1.37 -1.99
N ILE A 206 16.40 -0.49 -0.99
CA ILE A 206 16.70 -0.86 0.38
C ILE A 206 15.54 -0.40 1.26
N ALA A 207 15.08 -1.28 2.14
CA ALA A 207 13.96 -0.99 3.02
C ALA A 207 14.38 -1.11 4.49
N ARG A 208 13.89 -0.19 5.32
N ARG A 208 13.88 -0.20 5.31
CA ARG A 208 14.18 -0.21 6.75
CA ARG A 208 14.16 -0.18 6.74
C ARG A 208 12.91 0.16 7.53
C ARG A 208 12.85 0.11 7.47
N LEU A 209 12.65 -0.54 8.62
CA LEU A 209 11.51 -0.21 9.47
C LEU A 209 11.84 1.00 10.33
N ILE A 210 10.86 1.89 10.48
CA ILE A 210 11.08 3.16 11.18
C ILE A 210 10.25 3.16 12.46
N ASP A 211 10.90 3.43 13.59
CA ASP A 211 10.23 3.55 14.89
C ASP A 211 9.42 2.30 15.24
N ALA A 212 10.06 1.13 15.09
CA ALA A 212 9.44 -0.16 15.40
C ALA A 212 10.41 -0.95 16.28
N PRO A 213 10.50 -0.59 17.57
CA PRO A 213 11.62 -1.07 18.38
C PRO A 213 11.69 -2.58 18.55
N HIS A 214 10.56 -3.28 18.55
CA HIS A 214 10.55 -4.72 18.83
C HIS A 214 10.42 -5.57 17.57
N LEU A 215 10.72 -4.99 16.40
CA LEU A 215 10.69 -5.71 15.13
C LEU A 215 12.09 -5.69 14.51
N PRO A 216 12.29 -6.36 13.38
CA PRO A 216 13.64 -6.44 12.79
C PRO A 216 14.29 -5.07 12.62
N GLU A 217 15.58 -4.99 12.97
CA GLU A 217 16.33 -3.75 12.91
C GLU A 217 17.30 -3.66 11.73
N GLY A 218 17.41 -4.72 10.93
CA GLY A 218 18.25 -4.70 9.75
C GLY A 218 17.58 -4.00 8.57
N GLU A 219 18.07 -4.31 7.38
CA GLU A 219 17.54 -3.75 6.15
C GLU A 219 17.34 -4.84 5.12
N ALA A 220 16.23 -4.76 4.39
CA ALA A 220 15.96 -5.67 3.28
C ALA A 220 16.41 -5.04 1.98
N VAL A 221 16.76 -5.89 1.01
CA VAL A 221 17.25 -5.44 -0.28
C VAL A 221 16.49 -6.18 -1.35
N PHE A 222 16.03 -5.47 -2.37
CA PHE A 222 15.23 -6.08 -3.42
C PHE A 222 15.47 -5.36 -4.74
N SER A 223 14.99 -5.97 -5.83
N SER A 223 14.97 -5.95 -5.82
CA SER A 223 15.08 -5.38 -7.16
CA SER A 223 15.07 -5.40 -7.17
C SER A 223 13.70 -5.33 -7.80
C SER A 223 13.68 -5.32 -7.78
N ILE A 224 13.57 -4.48 -8.81
CA ILE A 224 12.34 -4.36 -9.60
C ILE A 224 12.56 -5.13 -10.89
N THR A 225 11.68 -6.09 -11.17
CA THR A 225 11.84 -6.98 -12.32
C THR A 225 10.50 -7.17 -13.04
N GLU A 226 10.51 -8.02 -14.06
CA GLU A 226 9.29 -8.37 -14.78
C GLU A 226 8.30 -9.13 -13.89
N LYS A 227 8.75 -9.64 -12.75
CA LYS A 227 7.87 -10.25 -11.76
C LYS A 227 7.40 -9.24 -10.71
N GLY A 228 7.65 -7.96 -10.92
CA GLY A 228 7.31 -6.94 -9.95
C GLY A 228 8.51 -6.61 -9.08
N ILE A 229 8.57 -7.17 -7.87
N ILE A 229 8.57 -7.25 -7.91
CA ILE A 229 9.80 -7.10 -7.10
CA ILE A 229 9.69 -7.15 -6.99
C ILE A 229 10.19 -8.51 -6.69
C ILE A 229 10.18 -8.56 -6.67
N GLU A 230 11.50 -8.71 -6.53
CA GLU A 230 12.06 -9.96 -6.01
C GLU A 230 13.41 -9.64 -5.39
N ASP A 231 14.02 -10.62 -4.76
CA ASP A 231 15.34 -10.39 -4.15
C ASP A 231 16.37 -9.92 -5.17
#